data_1UZY
#
_entry.id   1UZY
#
_cell.length_a   134.018
_cell.length_b   134.018
_cell.length_c   81.636
_cell.angle_alpha   90.00
_cell.angle_beta   90.00
_cell.angle_gamma   120.00
#
_symmetry.space_group_name_H-M   'P 65'
#
loop_
_entity.id
_entity.type
_entity.pdbx_description
1 polymer Lectin
2 branched alpha-L-fucopyranose-(1-3)-[2-acetamido-2-deoxy-beta-D-glucopyranose-(1-4)]2-acetamido-2-deoxy-beta-D-glucopyranose
3 branched beta-D-galactopyranose-(1-4)-beta-D-glucopyranose
4 branched beta-D-xylopyranose-(1-2)-[alpha-D-mannopyranose-(1-3)]beta-D-mannopyranose-(1-4)-2-acetamido-2-deoxy-beta-D-glucopyranose-(1-4)-[beta-L-fucopyranose-(1-3)]2-acetamido-2-deoxy-beta-D-glucopyranose
5 non-polymer '4-(2-HYDROXYETHYL)-1-PIPERAZINE ETHANESULFONIC ACID'
6 non-polymer 'CALCIUM ION'
7 non-polymer 'MANGANESE (II) ION'
8 water water
#
_entity_poly.entity_id   1
_entity_poly.type   'polypeptide(L)'
_entity_poly.pdbx_seq_one_letter_code
;VETISFSFSEFEPGNNDLTLQGAAIITQSGVLQLTKINQNGMPAWDSTGRTLYTKPVHIWDMTTGTVASFETRFSFSIEQ
PYTRPLPADGLVFFMGPTKSKPAQGYGYLGVFNNSKQDNSYQTLAVEFDTFSNPWDPPQVPHIGIDVNSIRSIKTQPFQL
DNGQVANVVIKYDASSKILLAVLVYPSSGAIYTIAEIVDVKQVLPEWVDVGLSGATGAQRDAAETHDVYSWSFHASLPET
ND
;
_entity_poly.pdbx_strand_id   A,B
#
# COMPACT_ATOMS: atom_id res chain seq x y z
N GLU A 2 15.64 -19.77 -5.62
CA GLU A 2 15.90 -20.02 -4.17
C GLU A 2 14.87 -19.26 -3.34
N THR A 3 14.01 -20.02 -2.66
CA THR A 3 12.94 -19.44 -1.84
C THR A 3 13.06 -19.76 -0.35
N ILE A 4 12.48 -18.89 0.47
CA ILE A 4 12.47 -19.05 1.91
C ILE A 4 11.29 -18.25 2.46
N SER A 5 10.65 -18.77 3.49
CA SER A 5 9.51 -18.08 4.07
C SER A 5 9.08 -18.66 5.41
N PHE A 6 8.35 -17.88 6.17
CA PHE A 6 7.85 -18.30 7.47
C PHE A 6 6.60 -17.50 7.80
N SER A 7 5.81 -18.01 8.73
CA SER A 7 4.58 -17.35 9.12
C SER A 7 4.22 -17.68 10.55
N PHE A 8 4.09 -16.63 11.36
CA PHE A 8 3.72 -16.78 12.77
C PHE A 8 2.39 -16.09 12.98
N SER A 9 1.31 -16.86 13.00
CA SER A 9 -0.02 -16.30 13.21
C SER A 9 -0.09 -15.84 14.66
N GLU A 10 0.85 -16.32 15.45
CA GLU A 10 0.97 -15.96 16.86
C GLU A 10 2.33 -16.49 17.31
N PHE A 11 2.77 -16.06 18.49
CA PHE A 11 4.07 -16.49 19.00
C PHE A 11 3.90 -17.34 20.24
N GLU A 12 4.81 -18.28 20.46
CA GLU A 12 4.74 -19.10 21.66
C GLU A 12 6.13 -19.24 22.27
N PRO A 13 6.21 -19.14 23.60
CA PRO A 13 7.47 -19.24 24.33
C PRO A 13 8.27 -20.50 23.95
N GLY A 14 9.43 -20.30 23.33
CA GLY A 14 10.25 -21.44 22.96
C GLY A 14 10.54 -21.62 21.48
N ASN A 15 9.65 -21.11 20.62
CA ASN A 15 9.84 -21.25 19.17
C ASN A 15 11.30 -21.09 18.78
N ASN A 16 11.95 -22.22 18.52
CA ASN A 16 13.36 -22.26 18.14
C ASN A 16 13.70 -21.41 16.92
N ASP A 17 12.70 -21.06 16.12
CA ASP A 17 12.94 -20.27 14.92
C ASP A 17 13.05 -18.77 15.16
N LEU A 18 12.95 -18.35 16.41
CA LEU A 18 13.05 -16.92 16.73
C LEU A 18 14.04 -16.69 17.87
N THR A 19 14.96 -15.75 17.65
CA THR A 19 15.95 -15.40 18.65
C THR A 19 15.47 -14.10 19.31
N LEU A 20 15.34 -14.12 20.63
CA LEU A 20 14.89 -12.93 21.36
C LEU A 20 16.10 -12.22 21.94
N GLN A 21 16.20 -10.91 21.69
CA GLN A 21 17.32 -10.13 22.20
C GLN A 21 16.84 -8.95 23.04
N GLY A 22 17.68 -8.49 23.94
CA GLY A 22 17.31 -7.39 24.80
C GLY A 22 16.14 -7.73 25.70
N ALA A 23 15.21 -6.80 25.86
CA ALA A 23 14.05 -7.00 26.71
C ALA A 23 12.92 -7.82 26.10
N ALA A 24 13.06 -8.19 24.83
CA ALA A 24 12.02 -8.94 24.13
C ALA A 24 11.62 -10.27 24.78
N ILE A 25 10.32 -10.49 24.88
CA ILE A 25 9.78 -11.73 25.45
C ILE A 25 8.48 -12.08 24.73
N ILE A 26 8.13 -13.36 24.75
CA ILE A 26 6.89 -13.84 24.15
C ILE A 26 6.04 -14.26 25.34
N THR A 27 4.89 -13.63 25.50
CA THR A 27 4.01 -13.95 26.62
C THR A 27 3.29 -15.29 26.43
N GLN A 28 2.67 -15.78 27.50
CA GLN A 28 1.93 -17.03 27.45
C GLN A 28 0.75 -16.88 26.51
N SER A 29 0.27 -15.65 26.34
CA SER A 29 -0.86 -15.38 25.47
C SER A 29 -0.44 -15.32 24.00
N GLY A 30 0.84 -15.51 23.74
CA GLY A 30 1.33 -15.50 22.37
C GLY A 30 1.69 -14.14 21.78
N VAL A 31 1.96 -13.16 22.64
CA VAL A 31 2.31 -11.83 22.17
C VAL A 31 3.81 -11.57 22.30
N LEU A 32 4.41 -10.97 21.27
CA LEU A 32 5.81 -10.64 21.30
C LEU A 32 5.93 -9.21 21.80
N GLN A 33 6.30 -9.06 23.06
CA GLN A 33 6.47 -7.73 23.64
C GLN A 33 7.92 -7.31 23.42
N LEU A 34 8.14 -6.48 22.41
CA LEU A 34 9.49 -6.02 22.09
C LEU A 34 10.14 -5.24 23.22
N THR A 35 9.37 -4.39 23.89
CA THR A 35 9.91 -3.61 24.98
C THR A 35 9.20 -3.95 26.27
N LYS A 36 9.96 -3.91 27.37
CA LYS A 36 9.48 -4.27 28.68
C LYS A 36 8.17 -3.66 29.18
N ILE A 37 7.32 -4.53 29.70
CA ILE A 37 6.06 -4.12 30.27
C ILE A 37 6.21 -4.39 31.78
N ASN A 38 6.09 -3.35 32.58
CA ASN A 38 6.24 -3.50 34.03
C ASN A 38 5.15 -4.37 34.64
N GLN A 39 5.39 -4.77 35.90
CA GLN A 39 4.45 -5.61 36.63
C GLN A 39 3.05 -5.02 36.67
N ASN A 40 2.96 -3.69 36.78
CA ASN A 40 1.67 -3.01 36.86
C ASN A 40 1.04 -2.79 35.48
N GLY A 41 1.59 -3.43 34.46
CA GLY A 41 1.05 -3.30 33.11
C GLY A 41 1.48 -2.08 32.31
N MET A 42 2.18 -1.14 32.93
CA MET A 42 2.64 0.06 32.23
C MET A 42 3.96 -0.18 31.51
N PRO A 43 4.15 0.43 30.33
CA PRO A 43 5.40 0.26 29.57
C PRO A 43 6.58 0.93 30.27
N ALA A 44 7.71 0.24 30.32
CA ALA A 44 8.90 0.77 30.97
C ALA A 44 9.77 1.58 30.01
N TRP A 45 10.28 2.70 30.50
CA TRP A 45 11.16 3.52 29.67
C TRP A 45 12.55 2.88 29.74
N ASP A 46 13.50 3.41 28.96
CA ASP A 46 14.86 2.88 28.94
C ASP A 46 14.86 1.39 28.61
N SER A 47 14.10 0.99 27.59
CA SER A 47 14.02 -0.42 27.21
C SER A 47 14.24 -0.61 25.70
N THR A 48 14.92 -1.70 25.37
CA THR A 48 15.21 -2.04 23.97
C THR A 48 15.14 -3.55 23.80
N GLY A 49 14.38 -3.99 22.80
CA GLY A 49 14.26 -5.41 22.55
C GLY A 49 14.07 -5.70 21.07
N ARG A 50 14.52 -6.87 20.64
CA ARG A 50 14.40 -7.26 19.24
C ARG A 50 14.20 -8.77 19.11
N THR A 51 13.87 -9.19 17.90
CA THR A 51 13.71 -10.60 17.61
C THR A 51 14.22 -10.79 16.18
N LEU A 52 14.97 -11.86 15.98
CA LEU A 52 15.53 -12.18 14.67
C LEU A 52 15.10 -13.58 14.26
N TYR A 53 14.79 -13.74 12.98
CA TYR A 53 14.47 -15.05 12.46
C TYR A 53 15.81 -15.79 12.49
N THR A 54 15.83 -17.03 12.99
CA THR A 54 17.07 -17.78 13.09
C THR A 54 17.76 -18.12 11.76
N LYS A 55 16.99 -18.33 10.71
CA LYS A 55 17.57 -18.66 9.41
C LYS A 55 17.94 -17.42 8.60
N PRO A 56 19.13 -17.40 7.98
CA PRO A 56 19.55 -16.27 7.17
C PRO A 56 18.82 -16.29 5.82
N VAL A 57 18.73 -15.12 5.19
CA VAL A 57 18.04 -15.00 3.90
C VAL A 57 18.98 -14.57 2.79
N HIS A 58 18.91 -15.27 1.66
CA HIS A 58 19.76 -14.95 0.51
C HIS A 58 19.04 -13.89 -0.32
N ILE A 59 19.51 -12.65 -0.21
CA ILE A 59 18.91 -11.52 -0.93
C ILE A 59 19.42 -11.31 -2.34
N TRP A 60 20.71 -11.54 -2.56
CA TRP A 60 21.28 -11.37 -3.90
C TRP A 60 22.56 -12.20 -4.04
N ASP A 61 23.03 -12.32 -5.27
CA ASP A 61 24.24 -13.10 -5.57
C ASP A 61 25.19 -12.33 -6.49
N MET A 62 26.44 -12.18 -6.06
CA MET A 62 27.44 -11.48 -6.86
C MET A 62 27.73 -12.18 -8.17
N THR A 63 27.96 -13.49 -8.10
CA THR A 63 28.26 -14.27 -9.29
C THR A 63 27.21 -14.08 -10.38
N THR A 64 25.96 -14.43 -10.07
CA THR A 64 24.87 -14.31 -11.02
C THR A 64 24.37 -12.88 -11.20
N GLY A 65 24.48 -12.08 -10.13
CA GLY A 65 24.04 -10.70 -10.20
C GLY A 65 22.52 -10.56 -10.03
N THR A 66 21.86 -11.65 -9.65
CA THR A 66 20.41 -11.63 -9.46
C THR A 66 20.06 -11.08 -8.08
N VAL A 67 18.85 -10.53 -7.97
CA VAL A 67 18.39 -9.97 -6.72
C VAL A 67 17.03 -10.56 -6.35
N ALA A 68 16.82 -10.79 -5.06
CA ALA A 68 15.57 -11.36 -4.60
C ALA A 68 14.52 -10.30 -4.30
N SER A 69 13.26 -10.65 -4.56
CA SER A 69 12.13 -9.79 -4.25
C SER A 69 11.60 -10.37 -2.98
N PHE A 70 11.02 -9.55 -2.11
CA PHE A 70 10.52 -10.09 -0.86
C PHE A 70 9.34 -9.31 -0.30
N GLU A 71 8.72 -9.89 0.71
CA GLU A 71 7.57 -9.26 1.35
C GLU A 71 7.49 -9.73 2.79
N THR A 72 7.06 -8.84 3.68
CA THR A 72 6.90 -9.20 5.06
C THR A 72 5.64 -8.53 5.58
N ARG A 73 4.95 -9.20 6.49
CA ARG A 73 3.72 -8.66 7.06
C ARG A 73 3.71 -8.93 8.56
N PHE A 74 3.16 -8.00 9.32
CA PHE A 74 3.05 -8.17 10.76
C PHE A 74 2.02 -7.21 11.34
N SER A 75 1.46 -7.60 12.48
CA SER A 75 0.47 -6.78 13.16
C SER A 75 1.09 -6.35 14.48
N PHE A 76 0.86 -5.11 14.86
CA PHE A 76 1.43 -4.60 16.11
C PHE A 76 0.52 -3.55 16.73
N SER A 77 0.76 -3.24 18.00
CA SER A 77 0.00 -2.21 18.66
C SER A 77 0.94 -1.39 19.53
N ILE A 78 0.74 -0.08 19.50
CA ILE A 78 1.52 0.82 20.33
C ILE A 78 0.52 1.61 21.13
N GLU A 79 0.66 1.54 22.45
CA GLU A 79 -0.23 2.28 23.35
C GLU A 79 0.65 3.26 24.11
N GLN A 80 0.26 4.53 24.11
CA GLN A 80 0.99 5.60 24.78
C GLN A 80 0.06 6.05 25.92
N PRO A 81 0.18 5.40 27.09
CA PRO A 81 -0.63 5.67 28.29
C PRO A 81 -0.34 6.90 29.13
N TYR A 82 0.91 7.34 29.15
CA TYR A 82 1.28 8.49 29.97
C TYR A 82 0.85 9.83 29.39
N THR A 83 0.40 10.73 30.27
CA THR A 83 -0.03 12.06 29.88
C THR A 83 1.21 12.90 29.54
N ARG A 84 2.33 12.54 30.16
CA ARG A 84 3.60 13.21 29.95
C ARG A 84 4.70 12.32 30.48
N PRO A 85 5.93 12.48 29.99
CA PRO A 85 6.33 13.42 28.94
C PRO A 85 5.90 12.82 27.61
N LEU A 86 6.49 13.29 26.51
CA LEU A 86 6.13 12.76 25.19
C LEU A 86 6.57 11.28 25.09
N PRO A 87 5.76 10.45 24.41
CA PRO A 87 6.10 9.02 24.26
C PRO A 87 7.27 8.81 23.32
N ALA A 88 7.90 7.64 23.39
CA ALA A 88 9.04 7.30 22.54
C ALA A 88 9.32 5.80 22.66
N ASP A 89 10.07 5.21 21.74
CA ASP A 89 10.67 5.86 20.57
C ASP A 89 10.14 5.25 19.27
N GLY A 90 9.67 4.00 19.35
CA GLY A 90 9.12 3.36 18.16
C GLY A 90 9.55 1.91 17.94
N LEU A 91 9.11 1.34 16.83
CA LEU A 91 9.48 -0.04 16.49
C LEU A 91 9.87 -0.07 15.03
N VAL A 92 10.50 -1.15 14.59
CA VAL A 92 10.97 -1.19 13.22
C VAL A 92 11.25 -2.61 12.71
N PHE A 93 11.15 -2.78 11.40
CA PHE A 93 11.44 -4.04 10.74
C PHE A 93 12.79 -3.77 10.08
N PHE A 94 13.76 -4.66 10.27
CA PHE A 94 15.06 -4.43 9.66
C PHE A 94 15.69 -5.66 9.04
N MET A 95 16.54 -5.41 8.06
CA MET A 95 17.26 -6.45 7.34
C MET A 95 18.72 -6.00 7.26
N GLY A 96 19.63 -6.87 7.66
CA GLY A 96 21.04 -6.51 7.62
C GLY A 96 21.96 -7.69 7.89
N PRO A 97 23.24 -7.43 8.20
CA PRO A 97 24.24 -8.47 8.47
C PRO A 97 23.75 -9.54 9.44
N THR A 98 24.10 -10.79 9.14
CA THR A 98 23.71 -11.92 9.98
C THR A 98 24.44 -11.87 11.31
N LYS A 99 23.92 -12.59 12.30
CA LYS A 99 24.52 -12.65 13.63
C LYS A 99 24.61 -11.29 14.32
N SER A 100 23.69 -10.38 14.02
CA SER A 100 23.73 -9.06 14.64
C SER A 100 23.16 -9.07 16.03
N LYS A 101 23.67 -8.18 16.87
CA LYS A 101 23.21 -8.04 18.24
C LYS A 101 22.53 -6.68 18.31
N PRO A 102 21.71 -6.42 19.34
CA PRO A 102 21.06 -5.10 19.39
C PRO A 102 22.07 -3.96 19.43
N ALA A 103 21.72 -2.87 18.75
CA ALA A 103 22.59 -1.69 18.69
C ALA A 103 22.13 -0.70 19.77
N GLN A 104 22.25 0.59 19.49
CA GLN A 104 21.84 1.60 20.47
C GLN A 104 20.31 1.73 20.53
N GLY A 105 19.81 2.13 21.69
CA GLY A 105 18.37 2.27 21.87
C GLY A 105 17.84 3.67 21.57
N TYR A 106 16.77 4.04 22.28
CA TYR A 106 16.12 5.33 22.10
C TYR A 106 15.79 5.54 20.61
N GLY A 107 16.13 6.72 20.08
CA GLY A 107 15.86 7.04 18.70
C GLY A 107 16.53 6.16 17.65
N TYR A 108 17.55 5.40 18.05
CA TYR A 108 18.24 4.53 17.10
C TYR A 108 17.48 3.20 16.96
N LEU A 109 16.42 3.08 17.75
CA LEU A 109 15.52 1.92 17.72
C LEU A 109 16.14 0.53 17.84
N GLY A 110 17.33 0.46 18.43
CA GLY A 110 18.00 -0.82 18.60
C GLY A 110 18.62 -1.37 17.33
N VAL A 111 18.64 -0.54 16.30
CA VAL A 111 19.18 -0.96 15.01
C VAL A 111 20.44 -0.21 14.59
N PHE A 112 20.54 1.08 14.91
CA PHE A 112 21.72 1.85 14.54
C PHE A 112 22.52 2.27 15.79
N ASN A 113 23.71 2.83 15.60
CA ASN A 113 24.55 3.24 16.73
C ASN A 113 24.68 4.74 16.91
N ASN A 114 24.25 5.47 15.89
CA ASN A 114 24.35 6.93 15.89
C ASN A 114 23.45 7.44 14.77
N SER A 115 23.55 8.73 14.46
CA SER A 115 22.73 9.31 13.40
C SER A 115 23.53 9.54 12.14
N LYS A 116 24.64 8.83 12.00
CA LYS A 116 25.49 8.98 10.83
C LYS A 116 24.95 8.27 9.60
N GLN A 117 25.45 8.70 8.48
CA GLN A 117 25.18 8.10 7.20
C GLN A 117 26.35 7.14 7.02
N ASP A 118 26.16 5.84 7.23
CA ASP A 118 27.28 4.91 7.16
C ASP A 118 26.97 3.66 6.34
N ASN A 119 27.60 3.53 5.18
CA ASN A 119 27.37 2.37 4.32
C ASN A 119 27.75 1.05 4.97
N SER A 120 28.59 1.10 6.00
CA SER A 120 28.99 -0.13 6.68
C SER A 120 27.85 -0.75 7.48
N TYR A 121 26.77 0.00 7.70
CA TYR A 121 25.62 -0.55 8.43
C TYR A 121 25.04 -1.70 7.60
N GLN A 122 25.08 -1.54 6.28
CA GLN A 122 24.53 -2.52 5.35
C GLN A 122 23.15 -2.94 5.82
N THR A 123 22.36 -1.97 6.26
CA THR A 123 21.03 -2.26 6.77
C THR A 123 19.91 -1.48 6.08
N LEU A 124 18.80 -2.16 5.89
CA LEU A 124 17.60 -1.60 5.27
C LEU A 124 16.51 -1.77 6.32
N ALA A 125 15.69 -0.76 6.54
CA ALA A 125 14.64 -0.88 7.55
C ALA A 125 13.45 0.02 7.29
N VAL A 126 12.30 -0.40 7.81
CA VAL A 126 11.07 0.37 7.70
C VAL A 126 10.65 0.64 9.13
N GLU A 127 10.75 1.90 9.53
CA GLU A 127 10.44 2.33 10.88
C GLU A 127 9.04 2.91 11.08
N PHE A 128 8.59 2.76 12.29
CA PHE A 128 7.31 3.26 12.79
C PHE A 128 7.74 4.06 14.00
N ASP A 129 8.14 5.28 13.71
CA ASP A 129 8.74 6.23 14.64
C ASP A 129 7.77 7.12 15.42
N THR A 130 7.82 7.05 16.75
CA THR A 130 6.91 7.81 17.62
C THR A 130 7.44 9.08 18.31
N PHE A 131 8.74 9.33 18.23
CA PHE A 131 9.33 10.52 18.86
C PHE A 131 10.15 11.28 17.84
N SER A 132 9.99 12.61 17.78
CA SER A 132 10.76 13.37 16.81
C SER A 132 12.14 13.79 17.31
N ASN A 133 13.18 13.12 16.81
CA ASN A 133 14.56 13.44 17.19
C ASN A 133 15.05 14.55 16.25
N PRO A 134 16.25 15.10 16.53
CA PRO A 134 16.81 16.18 15.70
C PRO A 134 16.92 15.86 14.21
N TRP A 135 17.11 14.58 13.89
CA TRP A 135 17.25 14.13 12.50
C TRP A 135 15.91 13.76 11.87
N ASP A 136 14.83 13.88 12.64
CA ASP A 136 13.48 13.52 12.17
C ASP A 136 12.62 14.66 11.69
N PRO A 137 11.56 14.33 10.93
CA PRO A 137 10.66 15.37 10.46
C PRO A 137 9.93 15.70 11.77
N PRO A 138 9.26 16.86 11.85
CA PRO A 138 8.57 17.18 13.10
C PRO A 138 7.31 16.35 13.42
N GLN A 139 6.69 15.79 12.39
CA GLN A 139 5.48 15.00 12.61
C GLN A 139 5.74 13.59 13.11
N VAL A 140 5.02 13.20 14.17
CA VAL A 140 5.09 11.86 14.73
C VAL A 140 3.69 11.43 15.16
N PRO A 141 3.36 10.15 14.99
CA PRO A 141 4.28 9.15 14.44
C PRO A 141 4.45 9.26 12.93
N HIS A 142 5.48 8.61 12.41
CA HIS A 142 5.71 8.60 10.97
C HIS A 142 6.38 7.30 10.56
N ILE A 143 6.05 6.85 9.35
CA ILE A 143 6.66 5.64 8.81
C ILE A 143 7.92 6.17 8.13
N GLY A 144 8.97 5.37 8.12
CA GLY A 144 10.20 5.81 7.49
C GLY A 144 10.95 4.67 6.82
N ILE A 145 11.56 4.98 5.68
CA ILE A 145 12.36 4.00 4.95
C ILE A 145 13.80 4.37 5.26
N ASP A 146 14.50 3.50 5.97
CA ASP A 146 15.88 3.76 6.37
C ASP A 146 16.88 2.89 5.61
N VAL A 147 17.87 3.56 5.01
CA VAL A 147 18.91 2.86 4.25
C VAL A 147 20.28 3.31 4.78
N ASN A 148 20.93 2.43 5.55
CA ASN A 148 22.23 2.71 6.12
C ASN A 148 22.26 3.96 6.98
N SER A 149 21.12 4.29 7.59
CA SER A 149 21.03 5.46 8.45
C SER A 149 19.65 5.62 9.09
N ILE A 150 19.61 6.18 10.29
CA ILE A 150 18.37 6.41 11.00
C ILE A 150 17.70 7.65 10.37
N ARG A 151 18.47 8.34 9.53
CA ARG A 151 17.96 9.51 8.82
C ARG A 151 17.26 8.97 7.57
N SER A 152 15.96 8.74 7.69
CA SER A 152 15.14 8.19 6.61
C SER A 152 15.29 8.87 5.25
N ILE A 153 15.34 8.08 4.18
CA ILE A 153 15.43 8.65 2.84
C ILE A 153 14.02 9.09 2.44
N LYS A 154 13.03 8.66 3.22
CA LYS A 154 11.63 8.99 2.95
C LYS A 154 10.78 8.74 4.19
N THR A 155 9.83 9.63 4.47
CA THR A 155 8.95 9.46 5.63
C THR A 155 7.51 9.79 5.28
N GLN A 156 6.59 9.23 6.07
CA GLN A 156 5.17 9.48 5.88
C GLN A 156 4.49 9.56 7.23
N PRO A 157 3.93 10.73 7.55
CA PRO A 157 3.26 10.87 8.85
C PRO A 157 1.99 10.02 8.90
N PHE A 158 1.63 9.56 10.08
CA PHE A 158 0.41 8.81 10.25
C PHE A 158 -0.10 9.07 11.66
N GLN A 159 -1.40 8.89 11.84
CA GLN A 159 -2.01 9.11 13.13
C GLN A 159 -2.08 7.81 13.89
N LEU A 160 -1.60 7.81 15.13
CA LEU A 160 -1.65 6.59 15.91
C LEU A 160 -3.10 6.42 16.38
N ASP A 161 -3.54 5.19 16.41
CA ASP A 161 -4.85 4.89 16.98
C ASP A 161 -4.45 4.19 18.27
N ASN A 162 -4.29 5.00 19.31
CA ASN A 162 -3.77 4.52 20.58
C ASN A 162 -4.22 3.15 21.08
N GLY A 163 -3.26 2.22 21.16
CA GLY A 163 -3.53 0.89 21.63
C GLY A 163 -4.17 -0.09 20.66
N GLN A 164 -4.57 0.40 19.48
CA GLN A 164 -5.21 -0.46 18.50
C GLN A 164 -4.20 -1.25 17.68
N VAL A 165 -4.65 -2.35 17.07
CA VAL A 165 -3.78 -3.18 16.25
C VAL A 165 -3.65 -2.64 14.83
N ALA A 166 -2.42 -2.52 14.35
CA ALA A 166 -2.16 -2.06 13.00
C ALA A 166 -1.61 -3.24 12.20
N ASN A 167 -1.97 -3.30 10.93
CA ASN A 167 -1.47 -4.37 10.06
C ASN A 167 -0.50 -3.71 9.08
N VAL A 168 0.69 -4.28 8.99
CA VAL A 168 1.72 -3.73 8.10
C VAL A 168 2.06 -4.69 6.97
N VAL A 169 2.25 -4.13 5.79
CA VAL A 169 2.64 -4.91 4.61
C VAL A 169 3.82 -4.17 4.00
N ILE A 170 4.95 -4.84 3.88
CA ILE A 170 6.14 -4.26 3.28
C ILE A 170 6.54 -5.16 2.12
N LYS A 171 6.76 -4.58 0.95
CA LYS A 171 7.13 -5.39 -0.20
C LYS A 171 8.22 -4.74 -1.05
N TYR A 172 9.16 -5.57 -1.50
CA TYR A 172 10.26 -5.11 -2.35
C TYR A 172 10.26 -5.85 -3.68
N ASP A 173 10.20 -5.10 -4.77
CA ASP A 173 10.23 -5.67 -6.12
C ASP A 173 11.60 -5.37 -6.72
N ALA A 174 12.44 -6.40 -6.82
CA ALA A 174 13.79 -6.25 -7.34
C ALA A 174 13.88 -5.67 -8.75
N SER A 175 12.89 -5.95 -9.59
CA SER A 175 12.91 -5.45 -10.96
C SER A 175 12.77 -3.94 -11.05
N SER A 176 11.86 -3.37 -10.27
CA SER A 176 11.65 -1.93 -10.26
C SER A 176 12.43 -1.26 -9.13
N LYS A 177 12.97 -2.08 -8.23
CA LYS A 177 13.73 -1.60 -7.07
C LYS A 177 12.86 -0.75 -6.14
N ILE A 178 11.54 -0.96 -6.21
CA ILE A 178 10.61 -0.22 -5.37
C ILE A 178 10.35 -0.89 -4.03
N LEU A 179 10.64 -0.17 -2.95
CA LEU A 179 10.36 -0.67 -1.60
C LEU A 179 9.12 0.08 -1.16
N LEU A 180 8.06 -0.67 -0.85
CA LEU A 180 6.80 -0.06 -0.44
C LEU A 180 6.34 -0.60 0.90
N ALA A 181 5.65 0.25 1.66
CA ALA A 181 5.13 -0.17 2.95
C ALA A 181 3.75 0.43 3.11
N VAL A 182 2.86 -0.33 3.75
CA VAL A 182 1.51 0.12 3.98
C VAL A 182 1.12 -0.20 5.41
N LEU A 183 0.37 0.69 6.03
CA LEU A 183 -0.10 0.47 7.38
C LEU A 183 -1.60 0.69 7.39
N VAL A 184 -2.32 -0.26 7.97
CA VAL A 184 -3.76 -0.21 8.05
C VAL A 184 -4.25 -0.42 9.47
N TYR A 185 -5.19 0.41 9.88
CA TYR A 185 -5.81 0.30 11.20
C TYR A 185 -7.23 -0.20 10.97
N PRO A 186 -7.46 -1.51 11.15
CA PRO A 186 -8.82 -2.04 10.94
C PRO A 186 -9.84 -1.33 11.82
N SER A 187 -9.41 -0.94 13.02
CA SER A 187 -10.29 -0.27 13.97
C SER A 187 -10.92 0.99 13.37
N SER A 188 -10.17 1.72 12.56
CA SER A 188 -10.70 2.94 11.97
C SER A 188 -10.77 2.89 10.45
N GLY A 189 -10.10 1.92 9.85
CA GLY A 189 -10.09 1.81 8.40
C GLY A 189 -9.03 2.69 7.76
N ALA A 190 -8.28 3.42 8.58
CA ALA A 190 -7.22 4.30 8.08
C ALA A 190 -6.15 3.52 7.32
N ILE A 191 -5.68 4.10 6.22
CA ILE A 191 -4.65 3.47 5.39
C ILE A 191 -3.55 4.49 5.10
N TYR A 192 -2.30 4.09 5.30
CA TYR A 192 -1.16 4.96 5.06
C TYR A 192 -0.18 4.23 4.16
N THR A 193 0.49 4.96 3.27
CA THR A 193 1.44 4.32 2.37
C THR A 193 2.72 5.14 2.21
N ILE A 194 3.79 4.46 1.84
CA ILE A 194 5.07 5.11 1.61
C ILE A 194 5.85 4.22 0.65
N ALA A 195 6.63 4.82 -0.23
CA ALA A 195 7.42 4.04 -1.18
C ALA A 195 8.61 4.83 -1.69
N GLU A 196 9.70 4.14 -1.96
CA GLU A 196 10.91 4.77 -2.47
C GLU A 196 11.81 3.74 -3.14
N ILE A 197 12.67 4.21 -4.03
CA ILE A 197 13.59 3.33 -4.74
C ILE A 197 14.75 2.95 -3.84
N VAL A 198 15.07 1.65 -3.83
CA VAL A 198 16.17 1.14 -3.02
C VAL A 198 16.89 0.02 -3.79
N ASP A 199 18.19 0.19 -4.01
CA ASP A 199 19.00 -0.81 -4.71
C ASP A 199 19.65 -1.71 -3.66
N VAL A 200 18.95 -2.75 -3.24
CA VAL A 200 19.47 -3.64 -2.21
C VAL A 200 20.86 -4.21 -2.53
N LYS A 201 21.18 -4.30 -3.82
CA LYS A 201 22.48 -4.83 -4.24
C LYS A 201 23.62 -4.03 -3.62
N GLN A 202 23.47 -2.71 -3.62
CA GLN A 202 24.48 -1.83 -3.07
C GLN A 202 24.18 -1.35 -1.65
N VAL A 203 23.39 -2.13 -0.92
CA VAL A 203 23.04 -1.78 0.45
C VAL A 203 23.22 -2.96 1.39
N LEU A 204 22.53 -4.06 1.08
CA LEU A 204 22.60 -5.25 1.91
C LEU A 204 23.64 -6.26 1.45
N PRO A 205 24.10 -7.12 2.38
CA PRO A 205 25.09 -8.14 2.03
C PRO A 205 24.31 -9.26 1.33
N GLU A 206 25.02 -10.18 0.68
CA GLU A 206 24.36 -11.27 -0.03
C GLU A 206 23.39 -12.03 0.86
N TRP A 207 23.79 -12.25 2.11
CA TRP A 207 22.94 -12.94 3.07
C TRP A 207 22.62 -11.99 4.20
N VAL A 208 21.39 -12.03 4.68
CA VAL A 208 20.96 -11.15 5.76
C VAL A 208 20.06 -11.83 6.77
N ASP A 209 19.91 -11.18 7.92
CA ASP A 209 19.01 -11.67 8.95
C ASP A 209 17.87 -10.66 8.89
N VAL A 210 16.65 -11.11 9.18
CA VAL A 210 15.51 -10.20 9.17
C VAL A 210 14.95 -10.19 10.59
N GLY A 211 14.53 -9.03 11.05
CA GLY A 211 14.00 -8.95 12.40
C GLY A 211 13.12 -7.76 12.68
N LEU A 212 12.67 -7.67 13.93
CA LEU A 212 11.82 -6.60 14.40
C LEU A 212 12.49 -6.07 15.67
N SER A 213 12.43 -4.76 15.87
CA SER A 213 13.05 -4.15 17.05
C SER A 213 12.18 -3.03 17.59
N GLY A 214 12.27 -2.80 18.89
CA GLY A 214 11.49 -1.74 19.51
C GLY A 214 12.31 -1.07 20.62
N ALA A 215 11.95 0.16 20.98
CA ALA A 215 12.66 0.87 22.02
C ALA A 215 11.82 1.95 22.68
N THR A 216 11.99 2.11 23.99
CA THR A 216 11.29 3.17 24.72
C THR A 216 12.34 4.26 25.00
N GLY A 217 11.88 5.39 25.54
CA GLY A 217 12.68 6.61 25.79
C GLY A 217 13.80 6.66 26.84
N ALA A 218 14.51 7.81 26.76
CA ALA A 218 15.66 8.16 27.60
C ALA A 218 15.38 8.85 28.93
N GLN A 219 14.11 9.08 29.25
CA GLN A 219 13.74 9.70 30.51
C GLN A 219 12.47 9.03 31.04
N ARG A 220 12.27 9.10 32.35
CA ARG A 220 11.13 8.45 32.98
C ARG A 220 9.79 8.71 32.29
N ASP A 221 9.08 7.61 32.03
CA ASP A 221 7.78 7.62 31.39
C ASP A 221 7.70 8.06 29.93
N ALA A 222 8.87 8.26 29.31
CA ALA A 222 8.89 8.55 27.86
C ALA A 222 8.86 7.14 27.28
N ALA A 223 7.68 6.52 27.32
CA ALA A 223 7.53 5.15 26.86
C ALA A 223 6.15 4.81 26.32
N GLU A 224 6.07 3.63 25.72
CA GLU A 224 4.85 3.13 25.10
C GLU A 224 5.10 1.65 24.87
N THR A 225 4.04 0.90 24.57
CA THR A 225 4.21 -0.52 24.30
C THR A 225 4.63 -0.68 22.84
N HIS A 226 5.21 -1.84 22.53
CA HIS A 226 5.61 -2.19 21.17
C HIS A 226 5.32 -3.68 21.08
N ASP A 227 4.04 -4.02 21.01
CA ASP A 227 3.61 -5.41 20.95
C ASP A 227 3.33 -5.89 19.52
N VAL A 228 3.81 -7.10 19.22
CA VAL A 228 3.65 -7.72 17.91
C VAL A 228 2.83 -9.00 18.08
N TYR A 229 1.83 -9.20 17.22
CA TYR A 229 0.94 -10.35 17.30
C TYR A 229 1.17 -11.43 16.25
N SER A 230 1.71 -11.05 15.10
CA SER A 230 1.97 -12.01 14.03
C SER A 230 3.04 -11.46 13.09
N TRP A 231 3.73 -12.36 12.40
CA TRP A 231 4.80 -11.94 11.51
C TRP A 231 5.07 -13.03 10.46
N SER A 232 5.09 -12.63 9.20
CA SER A 232 5.35 -13.55 8.11
C SER A 232 6.33 -12.90 7.15
N PHE A 233 7.10 -13.72 6.46
CA PHE A 233 8.10 -13.23 5.52
C PHE A 233 8.32 -14.21 4.38
N HIS A 234 8.54 -13.67 3.19
CA HIS A 234 8.79 -14.50 2.03
C HIS A 234 9.75 -13.79 1.09
N ALA A 235 10.74 -14.53 0.59
CA ALA A 235 11.71 -13.98 -0.33
C ALA A 235 11.98 -15.01 -1.41
N SER A 236 12.14 -14.56 -2.65
CA SER A 236 12.42 -15.46 -3.75
C SER A 236 13.56 -14.90 -4.59
N LEU A 237 14.66 -15.63 -4.63
CA LEU A 237 15.84 -15.22 -5.38
C LEU A 237 15.89 -15.96 -6.72
N PRO A 238 15.64 -15.23 -7.83
CA PRO A 238 15.67 -15.85 -9.16
C PRO A 238 17.01 -16.47 -9.49
N GLU A 239 16.97 -17.61 -10.18
CA GLU A 239 18.19 -18.32 -10.55
C GLU A 239 18.39 -18.31 -12.07
N THR A 240 18.66 -17.22 -12.61
N VAL B 1 0.81 27.45 -4.78
CA VAL B 1 0.84 26.09 -5.39
C VAL B 1 -0.49 25.78 -6.08
N GLU B 2 -0.42 25.06 -7.19
CA GLU B 2 -1.59 24.68 -7.96
C GLU B 2 -2.20 23.41 -7.36
N THR B 3 -3.20 23.57 -6.52
CA THR B 3 -3.84 22.44 -5.86
C THR B 3 -5.31 22.26 -6.27
N ILE B 4 -5.76 21.01 -6.22
CA ILE B 4 -7.14 20.67 -6.55
C ILE B 4 -7.51 19.46 -5.72
N SER B 5 -8.77 19.39 -5.29
CA SER B 5 -9.21 18.26 -4.49
C SER B 5 -10.73 18.24 -4.34
N PHE B 6 -11.26 17.03 -4.16
CA PHE B 6 -12.69 16.85 -3.96
C PHE B 6 -12.90 15.62 -3.10
N SER B 7 -14.04 15.54 -2.44
CA SER B 7 -14.31 14.40 -1.59
C SER B 7 -15.80 14.11 -1.50
N PHE B 8 -16.18 12.92 -1.96
CA PHE B 8 -17.56 12.49 -1.93
C PHE B 8 -17.66 11.36 -0.91
N SER B 9 -18.26 11.63 0.24
CA SER B 9 -18.41 10.60 1.27
C SER B 9 -19.52 9.67 0.80
N GLU B 10 -20.34 10.18 -0.10
CA GLU B 10 -21.43 9.44 -0.72
C GLU B 10 -21.84 10.27 -1.94
N PHE B 11 -22.67 9.69 -2.81
CA PHE B 11 -23.09 10.39 -4.02
C PHE B 11 -24.53 10.84 -3.97
N GLU B 12 -24.80 12.02 -4.51
CA GLU B 12 -26.14 12.57 -4.52
C GLU B 12 -26.61 12.79 -5.95
N PRO B 13 -27.81 12.27 -6.29
CA PRO B 13 -28.36 12.41 -7.63
C PRO B 13 -28.48 13.88 -8.01
N GLY B 14 -27.71 14.32 -8.99
CA GLY B 14 -27.76 15.71 -9.41
C GLY B 14 -26.50 16.49 -9.14
N ASN B 15 -25.60 15.94 -8.33
CA ASN B 15 -24.34 16.62 -8.01
C ASN B 15 -23.69 17.09 -9.31
N ASN B 16 -23.70 18.40 -9.52
CA ASN B 16 -23.15 19.00 -10.74
C ASN B 16 -21.64 18.86 -10.92
N ASP B 17 -20.94 18.35 -9.91
CA ASP B 17 -19.50 18.19 -10.01
C ASP B 17 -19.09 16.87 -10.66
N LEU B 18 -20.07 16.00 -10.91
CA LEU B 18 -19.81 14.71 -11.53
C LEU B 18 -20.58 14.56 -12.83
N THR B 19 -19.92 14.05 -13.85
CA THR B 19 -20.56 13.82 -15.15
C THR B 19 -20.78 12.32 -15.29
N LEU B 20 -22.03 11.90 -15.45
CA LEU B 20 -22.34 10.48 -15.59
C LEU B 20 -22.43 10.12 -17.08
N GLN B 21 -21.74 9.06 -17.47
CA GLN B 21 -21.74 8.61 -18.86
C GLN B 21 -22.14 7.16 -18.99
N GLY B 22 -22.72 6.80 -20.13
CA GLY B 22 -23.13 5.43 -20.33
C GLY B 22 -24.26 5.01 -19.40
N ALA B 23 -24.13 3.81 -18.84
CA ALA B 23 -25.16 3.27 -17.96
C ALA B 23 -25.12 3.76 -16.51
N ALA B 24 -24.08 4.53 -16.16
CA ALA B 24 -23.91 5.02 -14.80
C ALA B 24 -25.03 5.88 -14.24
N ILE B 25 -25.43 5.57 -13.01
CA ILE B 25 -26.47 6.32 -12.32
C ILE B 25 -26.11 6.39 -10.85
N ILE B 26 -26.71 7.35 -10.15
CA ILE B 26 -26.51 7.52 -8.73
C ILE B 26 -27.86 7.23 -8.11
N THR B 27 -27.90 6.29 -7.18
CA THR B 27 -29.16 5.91 -6.53
C THR B 27 -29.56 6.92 -5.47
N GLN B 28 -30.81 6.86 -5.04
CA GLN B 28 -31.30 7.76 -4.01
C GLN B 28 -30.54 7.47 -2.72
N SER B 29 -30.14 6.22 -2.55
CA SER B 29 -29.39 5.79 -1.37
C SER B 29 -27.95 6.30 -1.36
N GLY B 30 -27.57 7.01 -2.42
CA GLY B 30 -26.23 7.57 -2.51
C GLY B 30 -25.14 6.69 -3.10
N VAL B 31 -25.52 5.64 -3.81
CA VAL B 31 -24.55 4.72 -4.41
C VAL B 31 -24.37 4.95 -5.91
N LEU B 32 -23.11 4.98 -6.36
CA LEU B 32 -22.84 5.15 -7.78
C LEU B 32 -22.76 3.76 -8.41
N GLN B 33 -23.78 3.42 -9.19
CA GLN B 33 -23.79 2.12 -9.86
C GLN B 33 -23.22 2.34 -11.27
N LEU B 34 -21.94 2.01 -11.44
CA LEU B 34 -21.28 2.19 -12.73
C LEU B 34 -21.92 1.37 -13.84
N THR B 35 -22.35 0.15 -13.52
CA THR B 35 -23.00 -0.68 -14.53
C THR B 35 -24.43 -0.96 -14.10
N LYS B 36 -25.31 -1.05 -15.09
CA LYS B 36 -26.74 -1.26 -14.87
C LYS B 36 -27.17 -2.40 -13.93
N ILE B 37 -28.04 -2.05 -13.00
CA ILE B 37 -28.59 -3.02 -12.06
C ILE B 37 -30.08 -3.10 -12.42
N ASN B 38 -30.52 -4.30 -12.82
CA ASN B 38 -31.91 -4.50 -13.21
C ASN B 38 -32.87 -4.35 -12.03
N GLN B 39 -34.14 -4.19 -12.35
CA GLN B 39 -35.19 -4.02 -11.34
C GLN B 39 -35.22 -5.18 -10.35
N ASN B 40 -34.77 -6.36 -10.77
CA ASN B 40 -34.75 -7.51 -9.88
C ASN B 40 -33.51 -7.54 -9.01
N GLY B 41 -32.75 -6.45 -9.03
CA GLY B 41 -31.53 -6.36 -8.23
C GLY B 41 -30.31 -7.05 -8.79
N MET B 42 -30.42 -7.62 -9.98
CA MET B 42 -29.29 -8.32 -10.60
C MET B 42 -28.56 -7.44 -11.61
N PRO B 43 -27.23 -7.56 -11.68
CA PRO B 43 -26.44 -6.76 -12.63
C PRO B 43 -26.63 -7.24 -14.06
N ALA B 44 -26.83 -6.29 -14.98
CA ALA B 44 -27.05 -6.61 -16.38
C ALA B 44 -25.73 -6.77 -17.13
N TRP B 45 -25.71 -7.67 -18.12
CA TRP B 45 -24.50 -7.84 -18.91
C TRP B 45 -24.52 -6.80 -20.03
N ASP B 46 -23.42 -6.73 -20.77
CA ASP B 46 -23.28 -5.78 -21.88
C ASP B 46 -23.59 -4.35 -21.41
N SER B 47 -23.05 -3.99 -20.26
CA SER B 47 -23.26 -2.65 -19.70
C SER B 47 -21.93 -1.93 -19.46
N THR B 48 -21.88 -0.65 -19.80
CA THR B 48 -20.68 0.15 -19.60
C THR B 48 -21.08 1.51 -19.06
N GLY B 49 -20.46 1.92 -17.95
CA GLY B 49 -20.77 3.21 -17.38
C GLY B 49 -19.56 3.86 -16.76
N ARG B 50 -19.53 5.19 -16.76
CA ARG B 50 -18.39 5.92 -16.20
C ARG B 50 -18.87 7.20 -15.52
N THR B 51 -17.96 7.85 -14.81
CA THR B 51 -18.24 9.12 -14.17
C THR B 51 -16.93 9.89 -14.22
N LEU B 52 -17.03 11.17 -14.55
CA LEU B 52 -15.87 12.03 -14.64
C LEU B 52 -16.07 13.23 -13.71
N TYR B 53 -15.02 13.65 -13.04
CA TYR B 53 -15.10 14.84 -12.22
C TYR B 53 -15.18 15.98 -13.24
N THR B 54 -16.14 16.89 -13.08
CA THR B 54 -16.33 17.99 -14.03
C THR B 54 -15.17 18.98 -14.19
N LYS B 55 -14.30 19.06 -13.20
CA LYS B 55 -13.18 20.00 -13.26
C LYS B 55 -11.87 19.33 -13.69
N PRO B 56 -11.17 19.92 -14.67
CA PRO B 56 -9.89 19.37 -15.15
C PRO B 56 -8.81 19.51 -14.10
N VAL B 57 -7.80 18.64 -14.17
CA VAL B 57 -6.70 18.67 -13.21
C VAL B 57 -5.37 18.97 -13.90
N HIS B 58 -4.64 19.94 -13.37
CA HIS B 58 -3.34 20.31 -13.92
C HIS B 58 -2.29 19.38 -13.35
N ILE B 59 -1.91 18.36 -14.12
CA ILE B 59 -0.93 17.38 -13.68
C ILE B 59 0.53 17.78 -13.88
N TRP B 60 0.81 18.54 -14.94
CA TRP B 60 2.17 18.99 -15.16
C TRP B 60 2.25 20.21 -16.07
N ASP B 61 3.40 20.86 -16.09
CA ASP B 61 3.62 22.06 -16.90
C ASP B 61 4.87 21.88 -17.77
N MET B 62 4.69 21.94 -19.09
CA MET B 62 5.81 21.75 -20.01
C MET B 62 6.87 22.84 -19.94
N THR B 63 6.45 24.06 -19.67
CA THR B 63 7.38 25.19 -19.58
C THR B 63 8.44 24.95 -18.51
N THR B 64 8.00 24.71 -17.29
CA THR B 64 8.89 24.49 -16.16
C THR B 64 9.32 23.04 -15.99
N GLY B 65 8.50 22.11 -16.46
CA GLY B 65 8.83 20.70 -16.33
C GLY B 65 8.44 20.15 -14.98
N THR B 66 7.59 20.89 -14.26
CA THR B 66 7.12 20.46 -12.94
C THR B 66 5.99 19.46 -13.08
N VAL B 67 6.00 18.45 -12.22
CA VAL B 67 4.96 17.41 -12.25
C VAL B 67 4.27 17.31 -10.89
N ALA B 68 2.94 17.29 -10.92
CA ALA B 68 2.17 17.20 -9.70
C ALA B 68 2.17 15.79 -9.11
N SER B 69 1.99 15.74 -7.80
CA SER B 69 1.87 14.50 -7.07
C SER B 69 0.41 14.43 -6.78
N PHE B 70 -0.16 13.23 -6.70
CA PHE B 70 -1.58 13.14 -6.43
C PHE B 70 -1.96 11.85 -5.74
N GLU B 71 -3.19 11.80 -5.27
CA GLU B 71 -3.69 10.62 -4.57
C GLU B 71 -5.19 10.56 -4.74
N THR B 72 -5.73 9.34 -4.82
CA THR B 72 -7.16 9.18 -4.95
C THR B 72 -7.55 7.99 -4.10
N ARG B 73 -8.76 8.05 -3.57
CA ARG B 73 -9.27 6.98 -2.74
C ARG B 73 -10.73 6.79 -3.03
N PHE B 74 -11.19 5.54 -2.99
CA PHE B 74 -12.59 5.23 -3.20
C PHE B 74 -12.90 3.87 -2.64
N SER B 75 -14.18 3.63 -2.38
CA SER B 75 -14.66 2.36 -1.85
C SER B 75 -15.64 1.82 -2.88
N PHE B 76 -15.54 0.53 -3.17
CA PHE B 76 -16.41 -0.08 -4.14
C PHE B 76 -16.72 -1.51 -3.73
N SER B 77 -17.72 -2.09 -4.38
CA SER B 77 -18.06 -3.48 -4.14
C SER B 77 -18.42 -4.12 -5.46
N ILE B 78 -17.91 -5.32 -5.69
CA ILE B 78 -18.22 -6.07 -6.90
C ILE B 78 -18.84 -7.37 -6.41
N GLU B 79 -20.07 -7.63 -6.84
CA GLU B 79 -20.76 -8.87 -6.49
C GLU B 79 -20.98 -9.66 -7.77
N GLN B 80 -20.52 -10.91 -7.75
CA GLN B 80 -20.65 -11.83 -8.89
C GLN B 80 -21.69 -12.85 -8.42
N PRO B 81 -22.96 -12.67 -8.83
CA PRO B 81 -24.06 -13.55 -8.44
C PRO B 81 -24.28 -14.83 -9.23
N TYR B 82 -23.54 -15.02 -10.32
CA TYR B 82 -23.72 -16.21 -11.15
C TYR B 82 -22.57 -17.19 -11.13
N THR B 83 -22.90 -18.49 -11.15
CA THR B 83 -21.88 -19.53 -11.14
C THR B 83 -21.43 -19.86 -12.55
N ARG B 84 -22.20 -19.39 -13.54
CA ARG B 84 -21.88 -19.60 -14.95
C ARG B 84 -22.61 -18.55 -15.78
N PRO B 85 -21.94 -17.98 -16.79
CA PRO B 85 -20.55 -18.23 -17.19
C PRO B 85 -19.64 -17.42 -16.26
N LEU B 86 -18.37 -17.28 -16.64
CA LEU B 86 -17.41 -16.52 -15.82
C LEU B 86 -17.85 -15.06 -15.74
N PRO B 87 -17.64 -14.42 -14.57
CA PRO B 87 -18.03 -13.01 -14.40
C PRO B 87 -17.09 -12.08 -15.17
N ALA B 88 -17.56 -10.87 -15.46
CA ALA B 88 -16.76 -9.87 -16.19
C ALA B 88 -17.44 -8.50 -16.05
N ASP B 89 -16.72 -7.40 -16.31
CA ASP B 89 -15.31 -7.38 -16.73
C ASP B 89 -14.42 -6.66 -15.71
N GLY B 90 -15.00 -5.74 -14.94
CA GLY B 90 -14.23 -5.03 -13.92
C GLY B 90 -14.48 -3.53 -13.86
N LEU B 91 -13.73 -2.84 -13.01
CA LEU B 91 -13.86 -1.39 -12.88
C LEU B 91 -12.47 -0.77 -12.83
N VAL B 92 -12.38 0.54 -13.03
CA VAL B 92 -11.07 1.18 -13.08
C VAL B 92 -11.10 2.67 -12.81
N PHE B 93 -9.98 3.15 -12.25
CA PHE B 93 -9.79 4.56 -12.02
C PHE B 93 -8.92 5.02 -13.15
N PHE B 94 -9.30 6.04 -13.88
CA PHE B 94 -8.45 6.45 -14.98
C PHE B 94 -8.26 7.96 -15.06
N MET B 95 -7.12 8.36 -15.61
CA MET B 95 -6.76 9.76 -15.79
C MET B 95 -6.36 9.93 -17.25
N GLY B 96 -6.97 10.88 -17.93
CA GLY B 96 -6.64 11.10 -19.32
C GLY B 96 -7.15 12.40 -19.89
N PRO B 97 -7.16 12.54 -21.23
CA PRO B 97 -7.64 13.76 -21.90
C PRO B 97 -9.03 14.16 -21.42
N THR B 98 -9.24 15.46 -21.27
CA THR B 98 -10.53 15.98 -20.83
C THR B 98 -11.57 15.81 -21.93
N LYS B 99 -12.84 15.89 -21.55
CA LYS B 99 -13.96 15.76 -22.47
C LYS B 99 -14.06 14.42 -23.20
N SER B 100 -13.48 13.37 -22.62
CA SER B 100 -13.53 12.06 -23.26
C SER B 100 -14.90 11.41 -23.09
N LYS B 101 -15.23 10.50 -24.00
CA LYS B 101 -16.48 9.77 -23.95
C LYS B 101 -16.14 8.30 -23.76
N PRO B 102 -17.10 7.49 -23.29
CA PRO B 102 -16.82 6.06 -23.09
C PRO B 102 -16.19 5.43 -24.34
N ALA B 103 -15.17 4.61 -24.12
CA ALA B 103 -14.49 3.93 -25.22
C ALA B 103 -15.16 2.55 -25.35
N GLN B 104 -14.41 1.55 -25.81
CA GLN B 104 -14.99 0.22 -25.95
C GLN B 104 -15.27 -0.41 -24.57
N GLY B 105 -16.34 -1.21 -24.50
CA GLY B 105 -16.70 -1.86 -23.25
C GLY B 105 -16.01 -3.19 -23.01
N TYR B 106 -16.70 -4.08 -22.31
CA TYR B 106 -16.16 -5.41 -22.00
C TYR B 106 -14.78 -5.29 -21.34
N GLY B 107 -13.82 -6.09 -21.82
CA GLY B 107 -12.49 -6.08 -21.26
C GLY B 107 -11.69 -4.81 -21.45
N TYR B 108 -12.19 -3.90 -22.29
CA TYR B 108 -11.49 -2.64 -22.51
C TYR B 108 -11.94 -1.64 -21.43
N LEU B 109 -12.86 -2.10 -20.59
CA LEU B 109 -13.38 -1.36 -19.44
C LEU B 109 -13.92 0.06 -19.66
N GLY B 110 -14.28 0.37 -20.91
CA GLY B 110 -14.83 1.68 -21.21
C GLY B 110 -13.77 2.77 -21.33
N VAL B 111 -12.50 2.38 -21.25
CA VAL B 111 -11.40 3.32 -21.33
C VAL B 111 -10.52 3.19 -22.58
N PHE B 112 -10.35 1.97 -23.09
CA PHE B 112 -9.53 1.77 -24.29
C PHE B 112 -10.36 1.25 -25.47
N ASN B 113 -9.77 1.24 -26.67
CA ASN B 113 -10.49 0.78 -27.86
C ASN B 113 -10.05 -0.58 -28.38
N ASN B 114 -8.88 -1.03 -27.94
CA ASN B 114 -8.35 -2.34 -28.29
C ASN B 114 -7.18 -2.58 -27.33
N SER B 115 -6.48 -3.69 -27.48
CA SER B 115 -5.39 -4.03 -26.57
C SER B 115 -4.03 -3.41 -26.83
N LYS B 116 -3.90 -2.69 -27.94
CA LYS B 116 -2.61 -2.09 -28.28
C LYS B 116 -2.17 -0.95 -27.36
N GLN B 117 -0.86 -0.83 -27.18
CA GLN B 117 -0.33 0.27 -26.39
C GLN B 117 -0.21 1.41 -27.40
N ASP B 118 -0.79 2.57 -27.09
CA ASP B 118 -0.73 3.70 -27.99
C ASP B 118 -0.65 5.01 -27.23
N ASN B 119 0.42 5.78 -27.45
CA ASN B 119 0.60 7.05 -26.76
C ASN B 119 -0.56 8.00 -27.01
N SER B 120 -1.30 7.80 -28.10
CA SER B 120 -2.43 8.67 -28.41
C SER B 120 -3.52 8.55 -27.35
N TYR B 121 -3.48 7.47 -26.57
CA TYR B 121 -4.45 7.28 -25.50
C TYR B 121 -4.21 8.32 -24.42
N GLN B 122 -2.95 8.57 -24.12
CA GLN B 122 -2.58 9.53 -23.09
C GLN B 122 -3.40 9.24 -21.83
N THR B 123 -3.48 7.97 -21.47
CA THR B 123 -4.25 7.53 -20.31
C THR B 123 -3.46 6.67 -19.32
N LEU B 124 -3.66 6.97 -18.04
CA LEU B 124 -3.03 6.23 -16.95
C LEU B 124 -4.20 5.71 -16.13
N ALA B 125 -4.18 4.43 -15.79
CA ALA B 125 -5.29 3.86 -15.03
C ALA B 125 -4.87 2.74 -14.10
N VAL B 126 -5.68 2.52 -13.08
CA VAL B 126 -5.49 1.46 -12.12
C VAL B 126 -6.77 0.67 -12.20
N GLU B 127 -6.68 -0.53 -12.75
CA GLU B 127 -7.85 -1.39 -12.93
C GLU B 127 -7.98 -2.44 -11.85
N PHE B 128 -9.21 -2.90 -11.73
CA PHE B 128 -9.62 -3.95 -10.82
C PHE B 128 -10.38 -4.88 -11.75
N ASP B 129 -9.59 -5.73 -12.41
CA ASP B 129 -10.00 -6.63 -13.47
C ASP B 129 -10.52 -8.00 -13.01
N THR B 130 -11.74 -8.34 -13.44
CA THR B 130 -12.39 -9.59 -13.04
C THR B 130 -12.47 -10.72 -14.08
N PHE B 131 -12.11 -10.44 -15.32
CA PHE B 131 -12.18 -11.47 -16.38
C PHE B 131 -10.84 -11.53 -17.08
N SER B 132 -10.29 -12.73 -17.26
CA SER B 132 -8.99 -12.84 -17.91
C SER B 132 -9.05 -12.88 -19.44
N ASN B 133 -8.78 -11.74 -20.08
CA ASN B 133 -8.77 -11.68 -21.54
C ASN B 133 -7.44 -12.20 -22.07
N PRO B 134 -7.29 -12.31 -23.41
CA PRO B 134 -6.05 -12.81 -23.97
C PRO B 134 -4.81 -12.00 -23.57
N TRP B 135 -5.00 -10.71 -23.28
CA TRP B 135 -3.89 -9.84 -22.90
C TRP B 135 -3.63 -9.76 -21.39
N ASP B 136 -4.38 -10.56 -20.62
CA ASP B 136 -4.26 -10.56 -19.16
C ASP B 136 -3.50 -11.74 -18.60
N PRO B 137 -3.10 -11.64 -17.33
CA PRO B 137 -2.39 -12.75 -16.70
C PRO B 137 -3.54 -13.73 -16.46
N PRO B 138 -3.25 -15.00 -16.19
CA PRO B 138 -4.36 -15.94 -15.98
C PRO B 138 -5.21 -15.71 -14.72
N GLN B 139 -4.63 -15.13 -13.68
CA GLN B 139 -5.36 -14.91 -12.45
C GLN B 139 -6.26 -13.69 -12.40
N VAL B 140 -7.49 -13.90 -11.95
CA VAL B 140 -8.47 -12.83 -11.77
C VAL B 140 -9.23 -13.14 -10.49
N PRO B 141 -9.65 -12.09 -9.78
CA PRO B 141 -9.39 -10.71 -10.20
C PRO B 141 -7.95 -10.29 -9.94
N HIS B 142 -7.57 -9.16 -10.52
CA HIS B 142 -6.22 -8.64 -10.31
C HIS B 142 -6.21 -7.13 -10.44
N ILE B 143 -5.28 -6.49 -9.74
CA ILE B 143 -5.13 -5.06 -9.83
C ILE B 143 -4.15 -4.89 -10.97
N GLY B 144 -4.30 -3.83 -11.74
CA GLY B 144 -3.39 -3.61 -12.85
C GLY B 144 -3.06 -2.15 -13.03
N ILE B 145 -1.81 -1.86 -13.37
CA ILE B 145 -1.39 -0.49 -13.62
C ILE B 145 -1.34 -0.39 -15.14
N ASP B 146 -2.23 0.43 -15.70
CA ASP B 146 -2.33 0.60 -17.14
C ASP B 146 -1.77 1.91 -17.66
N VAL B 147 -0.73 1.83 -18.49
CA VAL B 147 -0.11 3.02 -19.07
C VAL B 147 -0.32 3.00 -20.58
N ASN B 148 -1.29 3.75 -21.06
CA ASN B 148 -1.62 3.83 -22.49
C ASN B 148 -1.99 2.49 -23.12
N SER B 149 -2.41 1.54 -22.29
CA SER B 149 -2.81 0.22 -22.77
C SER B 149 -3.57 -0.58 -21.74
N ILE B 150 -4.50 -1.41 -22.21
CA ILE B 150 -5.30 -2.25 -21.33
C ILE B 150 -4.41 -3.40 -20.85
N ARG B 151 -3.30 -3.60 -21.56
CA ARG B 151 -2.33 -4.62 -21.21
C ARG B 151 -1.41 -3.97 -20.18
N SER B 152 -1.66 -4.27 -18.91
CA SER B 152 -0.93 -3.71 -17.78
C SER B 152 0.59 -3.89 -17.78
N ILE B 153 1.31 -2.89 -17.31
CA ILE B 153 2.77 -2.98 -17.23
C ILE B 153 3.09 -3.75 -15.95
N LYS B 154 2.08 -3.92 -15.11
CA LYS B 154 2.24 -4.62 -13.84
C LYS B 154 0.87 -5.03 -13.30
N THR B 155 0.78 -6.25 -12.77
CA THR B 155 -0.48 -6.73 -12.21
C THR B 155 -0.25 -7.44 -10.88
N GLN B 156 -1.29 -7.52 -10.07
CA GLN B 156 -1.23 -8.18 -8.77
C GLN B 156 -2.55 -8.88 -8.51
N PRO B 157 -2.55 -10.21 -8.49
CA PRO B 157 -3.80 -10.93 -8.23
C PRO B 157 -4.34 -10.66 -6.84
N PHE B 158 -5.65 -10.66 -6.70
CA PHE B 158 -6.25 -10.48 -5.38
C PHE B 158 -7.52 -11.31 -5.35
N GLN B 159 -7.86 -11.81 -4.17
CA GLN B 159 -9.04 -12.62 -4.01
C GLN B 159 -10.25 -11.72 -3.77
N LEU B 160 -11.30 -11.93 -4.53
CA LEU B 160 -12.50 -11.12 -4.35
C LEU B 160 -13.19 -11.55 -3.07
N ASP B 161 -13.76 -10.57 -2.37
CA ASP B 161 -14.59 -10.89 -1.23
C ASP B 161 -15.93 -10.53 -1.78
N ASN B 162 -16.52 -11.53 -2.45
CA ASN B 162 -17.76 -11.33 -3.17
C ASN B 162 -18.82 -10.46 -2.50
N GLY B 163 -19.15 -9.35 -3.16
CA GLY B 163 -20.17 -8.44 -2.66
C GLY B 163 -19.77 -7.47 -1.55
N GLN B 164 -18.58 -7.66 -1.00
CA GLN B 164 -18.13 -6.81 0.10
C GLN B 164 -17.41 -5.53 -0.36
N VAL B 165 -17.34 -4.56 0.55
CA VAL B 165 -16.70 -3.28 0.25
C VAL B 165 -15.18 -3.31 0.36
N ALA B 166 -14.53 -2.83 -0.70
CA ALA B 166 -13.08 -2.76 -0.74
C ALA B 166 -12.69 -1.29 -0.67
N ASN B 167 -11.59 -0.99 0.00
CA ASN B 167 -11.10 0.39 0.08
C ASN B 167 -9.84 0.46 -0.77
N VAL B 168 -9.80 1.45 -1.66
CA VAL B 168 -8.66 1.60 -2.53
C VAL B 168 -7.94 2.92 -2.30
N VAL B 169 -6.61 2.86 -2.32
CA VAL B 169 -5.77 4.03 -2.18
C VAL B 169 -4.77 3.97 -3.33
N ILE B 170 -4.70 5.04 -4.10
CA ILE B 170 -3.77 5.13 -5.23
C ILE B 170 -2.99 6.43 -5.06
N LYS B 171 -1.67 6.35 -5.08
CA LYS B 171 -0.86 7.55 -4.91
C LYS B 171 0.31 7.64 -5.87
N TYR B 172 0.55 8.85 -6.39
CA TYR B 172 1.65 9.07 -7.31
C TYR B 172 2.64 10.08 -6.73
N ASP B 173 3.90 9.69 -6.64
CA ASP B 173 4.94 10.57 -6.13
C ASP B 173 5.77 11.05 -7.32
N ALA B 174 5.61 12.31 -7.69
CA ALA B 174 6.34 12.87 -8.83
C ALA B 174 7.86 12.79 -8.71
N SER B 175 8.38 12.96 -7.50
CA SER B 175 9.83 12.93 -7.29
C SER B 175 10.44 11.56 -7.56
N SER B 176 9.74 10.50 -7.19
CA SER B 176 10.25 9.15 -7.39
C SER B 176 9.63 8.51 -8.63
N LYS B 177 8.57 9.13 -9.15
CA LYS B 177 7.85 8.62 -10.31
C LYS B 177 7.20 7.27 -9.98
N ILE B 178 6.97 7.05 -8.69
CA ILE B 178 6.35 5.81 -8.24
C ILE B 178 4.83 5.91 -8.15
N LEU B 179 4.15 5.01 -8.85
CA LEU B 179 2.70 4.95 -8.81
C LEU B 179 2.38 3.70 -8.00
N LEU B 180 1.66 3.87 -6.89
CA LEU B 180 1.33 2.73 -6.06
C LEU B 180 -0.18 2.66 -5.84
N ALA B 181 -0.67 1.47 -5.56
CA ALA B 181 -2.09 1.28 -5.30
C ALA B 181 -2.23 0.22 -4.23
N VAL B 182 -3.23 0.39 -3.38
CA VAL B 182 -3.49 -0.57 -2.32
C VAL B 182 -4.97 -0.86 -2.24
N LEU B 183 -5.31 -2.13 -2.02
CA LEU B 183 -6.71 -2.50 -1.87
C LEU B 183 -6.85 -3.22 -0.55
N VAL B 184 -7.82 -2.79 0.24
CA VAL B 184 -8.07 -3.40 1.55
C VAL B 184 -9.53 -3.80 1.65
N TYR B 185 -9.77 -5.00 2.19
CA TYR B 185 -11.12 -5.47 2.42
C TYR B 185 -11.34 -5.49 3.93
N PRO B 186 -11.99 -4.47 4.49
CA PRO B 186 -12.23 -4.45 5.93
C PRO B 186 -12.94 -5.72 6.38
N SER B 187 -13.84 -6.22 5.54
CA SER B 187 -14.60 -7.43 5.84
C SER B 187 -13.71 -8.59 6.26
N SER B 188 -12.59 -8.79 5.56
CA SER B 188 -11.69 -9.90 5.89
C SER B 188 -10.32 -9.46 6.41
N GLY B 189 -9.98 -8.21 6.22
CA GLY B 189 -8.69 -7.71 6.67
C GLY B 189 -7.61 -7.91 5.61
N ALA B 190 -7.99 -8.46 4.46
CA ALA B 190 -7.03 -8.68 3.38
C ALA B 190 -6.44 -7.37 2.86
N ILE B 191 -5.14 -7.39 2.57
CA ILE B 191 -4.45 -6.21 2.04
C ILE B 191 -3.63 -6.62 0.83
N TYR B 192 -3.73 -5.85 -0.25
CA TYR B 192 -3.00 -6.12 -1.49
C TYR B 192 -2.29 -4.83 -1.94
N THR B 193 -1.09 -4.97 -2.48
CA THR B 193 -0.35 -3.80 -2.94
C THR B 193 0.30 -4.03 -4.29
N ILE B 194 0.53 -2.94 -5.02
CA ILE B 194 1.15 -2.98 -6.33
C ILE B 194 1.78 -1.61 -6.59
N ALA B 195 2.91 -1.60 -7.29
CA ALA B 195 3.56 -0.34 -7.59
C ALA B 195 4.49 -0.48 -8.78
N GLU B 196 4.71 0.62 -9.48
CA GLU B 196 5.60 0.62 -10.63
C GLU B 196 6.01 2.05 -10.97
N ILE B 197 7.07 2.18 -11.76
CA ILE B 197 7.55 3.49 -12.17
C ILE B 197 6.71 4.00 -13.33
N VAL B 198 6.24 5.23 -13.22
CA VAL B 198 5.45 5.84 -14.28
C VAL B 198 5.83 7.31 -14.44
N ASP B 199 6.27 7.68 -15.64
CA ASP B 199 6.65 9.06 -15.92
C ASP B 199 5.45 9.73 -16.56
N VAL B 200 4.61 10.36 -15.75
CA VAL B 200 3.40 11.01 -16.26
C VAL B 200 3.62 12.09 -17.31
N LYS B 201 4.79 12.71 -17.32
CA LYS B 201 5.07 13.75 -18.32
C LYS B 201 5.02 13.16 -19.73
N GLN B 202 5.50 11.92 -19.84
CA GLN B 202 5.53 11.23 -21.11
C GLN B 202 4.29 10.38 -21.38
N VAL B 203 3.27 10.53 -20.53
CA VAL B 203 2.04 9.75 -20.68
C VAL B 203 0.77 10.59 -20.76
N LEU B 204 0.55 11.43 -19.76
CA LEU B 204 -0.64 12.27 -19.71
C LEU B 204 -0.45 13.67 -20.26
N PRO B 205 -1.56 14.32 -20.65
CA PRO B 205 -1.48 15.68 -21.17
C PRO B 205 -1.37 16.59 -19.95
N GLU B 206 -0.96 17.84 -20.14
CA GLU B 206 -0.82 18.76 -19.02
C GLU B 206 -2.06 18.78 -18.12
N TRP B 207 -3.23 18.89 -18.73
CA TRP B 207 -4.48 18.89 -17.98
C TRP B 207 -5.27 17.62 -18.28
N VAL B 208 -5.81 17.01 -17.24
CA VAL B 208 -6.57 15.78 -17.42
C VAL B 208 -7.87 15.74 -16.64
N ASP B 209 -8.69 14.76 -16.98
CA ASP B 209 -9.95 14.52 -16.31
C ASP B 209 -9.71 13.24 -15.52
N VAL B 210 -10.30 13.12 -14.34
CA VAL B 210 -10.15 11.89 -13.58
C VAL B 210 -11.52 11.28 -13.50
N GLY B 211 -11.58 9.95 -13.62
CA GLY B 211 -12.87 9.29 -13.56
C GLY B 211 -12.79 7.83 -13.17
N LEU B 212 -13.96 7.23 -13.06
CA LEU B 212 -14.12 5.82 -12.71
C LEU B 212 -14.97 5.21 -13.81
N SER B 213 -14.65 3.98 -14.20
CA SER B 213 -15.39 3.30 -15.26
C SER B 213 -15.62 1.84 -14.89
N GLY B 214 -16.77 1.31 -15.31
CA GLY B 214 -17.09 -0.09 -15.05
C GLY B 214 -17.75 -0.71 -16.26
N ALA B 215 -17.62 -2.03 -16.40
CA ALA B 215 -18.21 -2.72 -17.53
C ALA B 215 -18.52 -4.19 -17.23
N THR B 216 -19.62 -4.69 -17.79
CA THR B 216 -19.99 -6.09 -17.64
C THR B 216 -19.74 -6.78 -18.99
N GLY B 217 -19.82 -8.11 -19.02
CA GLY B 217 -19.50 -8.94 -20.17
C GLY B 217 -20.29 -8.84 -21.47
N ALA B 218 -19.73 -9.52 -22.48
CA ALA B 218 -20.29 -9.57 -23.83
C ALA B 218 -21.29 -10.70 -24.09
N GLN B 219 -21.67 -11.45 -23.04
CA GLN B 219 -22.65 -12.52 -23.19
C GLN B 219 -23.50 -12.61 -21.92
N ARG B 220 -24.70 -13.17 -22.05
CA ARG B 220 -25.62 -13.30 -20.93
C ARG B 220 -25.02 -13.86 -19.65
N ASP B 221 -25.34 -13.20 -18.53
CA ASP B 221 -24.88 -13.59 -17.21
C ASP B 221 -23.38 -13.42 -16.94
N ALA B 222 -22.62 -12.95 -17.90
CA ALA B 222 -21.20 -12.66 -17.70
C ALA B 222 -21.23 -11.25 -17.14
N ALA B 223 -21.76 -11.12 -15.93
CA ALA B 223 -21.90 -9.82 -15.30
C ALA B 223 -21.68 -9.84 -13.79
N GLU B 224 -21.57 -8.64 -13.23
CA GLU B 224 -21.32 -8.45 -11.81
C GLU B 224 -21.61 -6.98 -11.56
N THR B 225 -21.75 -6.59 -10.30
CA THR B 225 -22.01 -5.19 -9.99
C THR B 225 -20.68 -4.44 -9.97
N HIS B 226 -20.75 -3.12 -10.07
CA HIS B 226 -19.58 -2.25 -10.00
C HIS B 226 -20.04 -0.97 -9.30
N ASP B 227 -20.36 -1.12 -8.02
CA ASP B 227 -20.85 -0.03 -7.19
C ASP B 227 -19.74 0.70 -6.45
N VAL B 228 -19.84 2.02 -6.42
CA VAL B 228 -18.87 2.86 -5.73
C VAL B 228 -19.62 3.67 -4.68
N TYR B 229 -19.09 3.68 -3.47
CA TYR B 229 -19.73 4.35 -2.35
C TYR B 229 -19.16 5.71 -2.00
N SER B 230 -17.88 5.92 -2.29
CA SER B 230 -17.22 7.18 -2.00
C SER B 230 -15.99 7.34 -2.89
N TRP B 231 -15.55 8.58 -3.04
CA TRP B 231 -14.40 8.86 -3.88
C TRP B 231 -13.85 10.24 -3.56
N SER B 232 -12.54 10.31 -3.34
CA SER B 232 -11.88 11.57 -3.05
C SER B 232 -10.62 11.64 -3.90
N PHE B 233 -10.15 12.85 -4.14
CA PHE B 233 -8.96 13.02 -4.97
C PHE B 233 -8.25 14.31 -4.58
N HIS B 234 -6.94 14.33 -4.76
CA HIS B 234 -6.14 15.50 -4.45
C HIS B 234 -4.84 15.49 -5.25
N ALA B 235 -4.50 16.64 -5.82
CA ALA B 235 -3.27 16.79 -6.60
C ALA B 235 -2.61 18.11 -6.23
N SER B 236 -1.28 18.12 -6.23
CA SER B 236 -0.51 19.31 -5.91
C SER B 236 0.57 19.55 -6.95
N LEU B 237 0.43 20.65 -7.69
CA LEU B 237 1.41 20.99 -8.72
C LEU B 237 2.35 22.09 -8.23
N PRO B 238 3.63 21.77 -8.05
CA PRO B 238 4.63 22.74 -7.59
C PRO B 238 4.61 23.98 -8.47
N GLU B 239 4.70 23.81 -9.70
#